data_4WUT
#
_entry.id   4WUT
#
_cell.length_a   48.188
_cell.length_b   69.367
_cell.length_c   92.434
_cell.angle_alpha   90.000
_cell.angle_beta   90.000
_cell.angle_gamma   90.000
#
_symmetry.space_group_name_H-M   'P 21 21 21'
#
loop_
_entity.id
_entity.type
_entity.pdbx_description
1 polymer 'ABC transporter substrate binding protein (Ribose)'
2 non-polymer 'CHLORIDE ION'
3 non-polymer beta-D-fucopyranose
4 non-polymer 'CALCIUM ION'
5 water water
#
_entity_poly.entity_id   1
_entity_poly.type   'polypeptide(L)'
_entity_poly.pdbx_seq_one_letter_code
;(MSE)HHHHHHSSGVDLGTENLYFQS(MSE)GEIAVIVKTVNSTFWQNVQKGADAAIGKQKAHTITFQGPAAESAIADQV
N(MSE)VENAVNRKVDAILLAPSDPDALVPAVKKAWEARIPVVIIDS(MSE)LSKDAEKYYQAFLATDNKAAGELAAKA
(MSE)IQKVGTEGKIAV(MSE)SYVAGAGSEIGRVGGFTDYIKANSKLQIVGPYYSQSQ(MSE)ATALNQTTDVLAANAD
LKGIFGANEPTAIG(MSE)GRAIKQAGKAGKLVAIGFDGNQDLQEFVKDGTLEATVVQGSYQ(MSE)GEKGVDTLLKLLS
KEKVEKFIDTGVVVVTKQNIDKPEAKNVLY
;
_entity_poly.pdbx_strand_id   A
#
loop_
_chem_comp.id
_chem_comp.type
_chem_comp.name
_chem_comp.formula
CA non-polymer 'CALCIUM ION' 'Ca 2'
CL non-polymer 'CHLORIDE ION' 'Cl -1'
FCB D-saccharide, beta linking beta-D-fucopyranose 'C6 H12 O5'
#
# COMPACT_ATOMS: atom_id res chain seq x y z
N GLY A 24 -14.35 -23.35 10.47
CA GLY A 24 -13.78 -23.25 9.13
C GLY A 24 -13.40 -21.82 8.81
N GLU A 25 -12.82 -21.12 9.79
CA GLU A 25 -12.48 -19.72 9.63
C GLU A 25 -11.16 -19.47 8.89
N ILE A 26 -11.22 -18.60 7.89
CA ILE A 26 -10.02 -18.02 7.30
C ILE A 26 -9.93 -16.57 7.81
N ALA A 27 -8.93 -16.26 8.63
CA ALA A 27 -8.83 -14.94 9.24
C ALA A 27 -8.04 -14.00 8.35
N VAL A 28 -8.72 -12.98 7.84
CA VAL A 28 -8.05 -11.92 7.10
C VAL A 28 -7.75 -10.79 8.06
N ILE A 29 -6.46 -10.47 8.17
CA ILE A 29 -5.97 -9.47 9.12
C ILE A 29 -5.17 -8.42 8.37
N VAL A 30 -5.68 -7.19 8.38
CA VAL A 30 -5.06 -6.11 7.63
C VAL A 30 -4.59 -4.98 8.54
N LYS A 31 -3.97 -3.95 7.98
CA LYS A 31 -3.33 -2.95 8.82
C LYS A 31 -4.31 -2.03 9.56
N THR A 32 -5.48 -1.82 8.94
CA THR A 32 -6.56 -1.07 9.56
C THR A 32 -7.80 -1.34 8.75
N VAL A 33 -8.97 -1.27 9.38
CA VAL A 33 -10.21 -1.47 8.62
C VAL A 33 -10.73 -0.13 8.11
N ASN A 34 -10.25 0.95 8.73
CA ASN A 34 -10.65 2.30 8.37
C ASN A 34 -9.95 2.83 7.13
N SER A 35 -10.31 2.27 5.97
CA SER A 35 -9.55 2.55 4.76
C SER A 35 -10.27 2.07 3.50
N THR A 36 -10.41 2.93 2.51
CA THR A 36 -11.03 2.49 1.25
C THR A 36 -10.14 1.46 0.54
N PHE A 37 -8.82 1.59 0.69
CA PHE A 37 -7.90 0.61 0.12
C PHE A 37 -8.16 -0.77 0.73
N TRP A 38 -8.16 -0.88 2.06
CA TRP A 38 -8.33 -2.18 2.69
C TRP A 38 -9.75 -2.70 2.49
N GLN A 39 -10.72 -1.80 2.35
CA GLN A 39 -12.07 -2.26 2.05
C GLN A 39 -12.18 -2.87 0.65
N ASN A 40 -11.35 -2.40 -0.29
CA ASN A 40 -11.31 -3.03 -1.61
C ASN A 40 -10.63 -4.41 -1.56
N VAL A 41 -9.59 -4.54 -0.74
CA VAL A 41 -9.03 -5.87 -0.48
C VAL A 41 -10.12 -6.80 0.09
N GLN A 42 -10.90 -6.30 1.06
CA GLN A 42 -12.00 -7.10 1.61
C GLN A 42 -12.99 -7.51 0.52
N LYS A 43 -13.30 -6.60 -0.40
CA LYS A 43 -14.21 -6.90 -1.50
C LYS A 43 -13.73 -8.12 -2.30
N GLY A 44 -12.44 -8.13 -2.63
CA GLY A 44 -11.84 -9.24 -3.36
C GLY A 44 -11.90 -10.53 -2.56
N ALA A 45 -11.58 -10.45 -1.29
CA ALA A 45 -11.64 -11.63 -0.43
C ALA A 45 -13.06 -12.20 -0.36
N ASP A 46 -14.04 -11.31 -0.27
CA ASP A 46 -15.43 -11.71 -0.17
C ASP A 46 -15.87 -12.44 -1.44
N ALA A 47 -15.38 -11.97 -2.58
CA ALA A 47 -15.71 -12.55 -3.87
C ALA A 47 -15.21 -13.98 -3.95
N ALA A 48 -13.95 -14.19 -3.58
CA ALA A 48 -13.33 -15.51 -3.62
C ALA A 48 -14.03 -16.50 -2.69
N ILE A 49 -14.31 -16.06 -1.47
CA ILE A 49 -14.86 -16.96 -0.47
C ILE A 49 -16.29 -17.38 -0.87
N GLY A 50 -17.01 -16.47 -1.52
CA GLY A 50 -18.39 -16.72 -1.89
C GLY A 50 -18.58 -17.73 -3.02
N LYS A 51 -17.48 -18.24 -3.56
CA LYS A 51 -17.56 -19.21 -4.65
C LYS A 51 -17.30 -20.64 -4.15
N GLN A 52 -17.43 -20.83 -2.84
CA GLN A 52 -17.23 -22.13 -2.22
C GLN A 52 -17.96 -22.14 -0.87
N LYS A 53 -18.13 -23.32 -0.27
CA LYS A 53 -18.98 -23.45 0.90
C LYS A 53 -18.27 -23.81 2.21
N ALA A 54 -17.08 -24.39 2.12
CA ALA A 54 -16.45 -25.04 3.27
C ALA A 54 -15.83 -24.08 4.28
N HIS A 55 -15.46 -22.90 3.81
CA HIS A 55 -14.78 -21.93 4.67
C HIS A 55 -15.48 -20.59 4.62
N THR A 56 -15.28 -19.83 5.69
CA THR A 56 -15.75 -18.45 5.75
C THR A 56 -14.56 -17.56 6.07
N ILE A 57 -14.69 -16.25 5.86
CA ILE A 57 -13.64 -15.33 6.28
C ILE A 57 -14.15 -14.39 7.36
N THR A 58 -13.22 -14.00 8.22
CA THR A 58 -13.40 -12.86 9.08
C THR A 58 -12.43 -11.81 8.56
N PHE A 59 -12.76 -10.53 8.74
CA PHE A 59 -11.93 -9.44 8.26
C PHE A 59 -11.75 -8.49 9.43
N GLN A 60 -10.51 -8.26 9.83
CA GLN A 60 -10.21 -7.51 11.04
C GLN A 60 -8.93 -6.70 10.83
N GLY A 61 -8.80 -5.59 11.55
CA GLY A 61 -7.59 -4.83 11.57
C GLY A 61 -7.65 -3.84 12.70
N PRO A 62 -6.48 -3.38 13.17
CA PRO A 62 -6.49 -2.37 14.24
C PRO A 62 -7.05 -1.05 13.78
N ALA A 63 -7.06 -0.07 14.70
CA ALA A 63 -7.64 1.23 14.40
C ALA A 63 -6.76 2.10 13.54
N ALA A 64 -5.48 1.76 13.45
CA ALA A 64 -4.54 2.57 12.67
C ALA A 64 -3.38 1.69 12.23
N GLU A 65 -2.74 2.05 11.12
CA GLU A 65 -1.62 1.27 10.62
C GLU A 65 -0.39 1.29 11.50
N SER A 66 -0.32 2.30 12.37
CA SER A 66 0.77 2.42 13.34
C SER A 66 0.58 1.54 14.58
N ALA A 67 -0.61 0.95 14.72
CA ALA A 67 -0.92 0.11 15.89
C ALA A 67 -0.39 -1.29 15.67
N ILE A 68 0.92 -1.45 15.83
CA ILE A 68 1.59 -2.70 15.51
C ILE A 68 1.31 -3.79 16.56
N ALA A 69 1.42 -3.41 17.82
CA ALA A 69 1.17 -4.38 18.88
C ALA A 69 -0.24 -4.92 18.80
N ASP A 70 -1.20 -4.06 18.45
CA ASP A 70 -2.57 -4.50 18.31
C ASP A 70 -2.71 -5.54 17.20
N GLN A 71 -1.96 -5.36 16.09
CA GLN A 71 -2.03 -6.35 15.03
C GLN A 71 -1.39 -7.66 15.45
N VAL A 72 -0.26 -7.60 16.15
CA VAL A 72 0.37 -8.80 16.67
C VAL A 72 -0.64 -9.57 17.52
N ASN A 73 -1.31 -8.86 18.43
CA ASN A 73 -2.31 -9.49 19.27
C ASN A 73 -3.41 -10.22 18.45
N MSE A 74 -3.86 -9.60 17.36
CA MSE A 74 -4.84 -10.22 16.49
C MSE A 74 -4.37 -11.51 15.86
O MSE A 74 -5.11 -12.49 15.79
CB MSE A 74 -5.29 -9.27 15.39
CG MSE A 74 -6.16 -8.18 15.91
SE MSE A 74 -6.79 -7.08 14.42
CE MSE A 74 -7.89 -5.88 15.49
H MSE A 74 -3.60 -8.82 17.11
HA MSE A 74 -5.65 -10.42 17.02
HB2 MSE A 74 -4.50 -8.87 14.99
HB3 MSE A 74 -5.78 -9.76 14.72
HG2 MSE A 74 -6.92 -8.57 16.35
HG3 MSE A 74 -5.64 -7.63 16.51
HE1 MSE A 74 -8.31 -5.23 14.91
HE2 MSE A 74 -8.58 -6.39 15.94
HE3 MSE A 74 -7.34 -5.43 16.13
N VAL A 75 -3.13 -11.52 15.37
CA VAL A 75 -2.61 -12.72 14.76
C VAL A 75 -2.42 -13.84 15.83
N GLU A 76 -1.87 -13.48 16.99
CA GLU A 76 -1.72 -14.43 18.07
C GLU A 76 -3.06 -15.05 18.42
N ASN A 77 -4.08 -14.21 18.52
CA ASN A 77 -5.39 -14.66 18.89
C ASN A 77 -5.99 -15.61 17.86
N ALA A 78 -5.73 -15.31 16.59
CA ALA A 78 -6.17 -16.17 15.48
C ALA A 78 -5.52 -17.56 15.61
N VAL A 79 -4.23 -17.58 15.92
CA VAL A 79 -3.54 -18.85 16.11
C VAL A 79 -4.11 -19.60 17.31
N ASN A 80 -4.37 -18.87 18.40
CA ASN A 80 -4.85 -19.52 19.61
C ASN A 80 -6.25 -20.09 19.48
N ARG A 81 -7.09 -19.50 18.64
CA ARG A 81 -8.42 -20.04 18.39
C ARG A 81 -8.44 -21.03 17.22
N LYS A 82 -7.27 -21.36 16.70
CA LYS A 82 -7.10 -22.44 15.75
C LYS A 82 -7.87 -22.25 14.45
N VAL A 83 -7.74 -21.06 13.89
CA VAL A 83 -8.33 -20.78 12.58
C VAL A 83 -7.69 -21.71 11.57
N ASP A 84 -8.40 -21.92 10.47
CA ASP A 84 -7.88 -22.81 9.42
C ASP A 84 -6.71 -22.19 8.66
N ALA A 85 -6.71 -20.86 8.53
CA ALA A 85 -5.69 -20.16 7.72
C ALA A 85 -5.73 -18.67 8.01
N ILE A 86 -4.65 -18.00 7.64
CA ILE A 86 -4.49 -16.57 7.90
C ILE A 86 -4.01 -15.87 6.64
N LEU A 87 -4.73 -14.83 6.27
CA LEU A 87 -4.30 -13.91 5.21
C LEU A 87 -3.91 -12.63 5.92
N LEU A 88 -2.63 -12.27 5.85
CA LEU A 88 -2.09 -11.18 6.68
C LEU A 88 -1.40 -10.13 5.84
N ALA A 89 -1.76 -8.85 6.05
CA ALA A 89 -0.99 -7.71 5.55
C ALA A 89 -0.26 -7.13 6.77
N PRO A 90 0.99 -7.54 6.97
CA PRO A 90 1.66 -7.21 8.23
C PRO A 90 2.00 -5.74 8.33
N SER A 91 1.72 -5.13 9.48
CA SER A 91 1.96 -3.71 9.65
C SER A 91 3.45 -3.38 9.87
N ASP A 92 4.24 -4.41 10.16
CA ASP A 92 5.69 -4.26 10.34
C ASP A 92 6.35 -5.57 9.87
N PRO A 93 7.50 -5.49 9.17
CA PRO A 93 8.07 -6.72 8.64
C PRO A 93 8.79 -7.57 9.67
N ASP A 94 9.11 -6.99 10.81
CA ASP A 94 9.81 -7.69 11.87
C ASP A 94 8.93 -8.04 13.07
N ALA A 95 8.12 -7.09 13.52
CA ALA A 95 7.32 -7.30 14.71
C ALA A 95 6.33 -8.43 14.55
N LEU A 96 5.91 -8.72 13.32
CA LEU A 96 4.91 -9.77 13.09
C LEU A 96 5.52 -11.17 12.90
N VAL A 97 6.84 -11.26 12.81
CA VAL A 97 7.47 -12.56 12.56
C VAL A 97 7.20 -13.61 13.65
N PRO A 98 7.32 -13.24 14.94
CA PRO A 98 7.08 -14.26 15.97
C PRO A 98 5.66 -14.85 15.93
N ALA A 99 4.66 -14.03 15.65
CA ALA A 99 3.29 -14.54 15.60
C ALA A 99 3.07 -15.43 14.38
N VAL A 100 3.68 -15.06 13.25
CA VAL A 100 3.62 -15.87 12.04
C VAL A 100 4.36 -17.20 12.22
N LYS A 101 5.50 -17.17 12.91
CA LYS A 101 6.18 -18.41 13.30
C LYS A 101 5.28 -19.34 14.13
N LYS A 102 4.57 -18.74 15.11
CA LYS A 102 3.60 -19.49 15.90
C LYS A 102 2.49 -20.11 15.02
N ALA A 103 2.01 -19.38 14.02
CA ALA A 103 1.03 -19.94 13.08
C ALA A 103 1.61 -21.15 12.37
N TRP A 104 2.82 -20.98 11.88
CA TRP A 104 3.51 -22.08 11.19
C TRP A 104 3.70 -23.31 12.08
N GLU A 105 4.09 -23.09 13.34
CA GLU A 105 4.26 -24.19 14.28
C GLU A 105 2.93 -24.91 14.58
N ALA A 106 1.84 -24.16 14.50
CA ALA A 106 0.48 -24.67 14.66
C ALA A 106 -0.08 -25.30 13.39
N ARG A 107 0.73 -25.38 12.34
CA ARG A 107 0.29 -25.94 11.06
C ARG A 107 -0.85 -25.14 10.43
N ILE A 108 -0.81 -23.83 10.60
CA ILE A 108 -1.80 -22.96 9.99
C ILE A 108 -1.21 -22.25 8.78
N PRO A 109 -1.76 -22.52 7.60
CA PRO A 109 -1.27 -21.84 6.39
C PRO A 109 -1.37 -20.33 6.52
N VAL A 110 -0.33 -19.63 6.08
CA VAL A 110 -0.31 -18.18 6.11
C VAL A 110 0.08 -17.67 4.71
N VAL A 111 -0.70 -16.74 4.19
CA VAL A 111 -0.33 -16.04 2.97
C VAL A 111 -0.22 -14.56 3.35
N ILE A 112 0.86 -13.93 2.88
CA ILE A 112 1.14 -12.52 3.12
C ILE A 112 0.73 -11.68 1.92
N ILE A 113 0.01 -10.59 2.18
CA ILE A 113 -0.35 -9.65 1.11
C ILE A 113 0.20 -8.26 1.40
N ASP A 114 0.51 -7.57 0.30
CA ASP A 114 0.75 -6.12 0.28
C ASP A 114 2.10 -5.67 0.82
N SER A 115 2.44 -6.09 2.03
CA SER A 115 3.60 -5.60 2.74
C SER A 115 4.44 -6.79 3.17
N MSE A 116 5.71 -6.76 2.81
CA MSE A 116 6.60 -7.88 3.08
C MSE A 116 6.83 -8.14 4.57
O MSE A 116 6.67 -7.26 5.43
CB MSE A 116 7.97 -7.63 2.43
CG MSE A 116 8.58 -6.30 2.76
SE MSE A 116 10.50 -6.21 2.33
CE MSE A 116 11.22 -7.48 3.64
H MSE A 116 6.09 -6.11 2.40
HA MSE A 116 6.22 -8.68 2.68
HB2 MSE A 116 8.59 -8.32 2.72
HB3 MSE A 116 7.87 -7.67 1.47
HG2 MSE A 116 8.13 -5.61 2.25
HG3 MSE A 116 8.49 -6.14 3.71
HE1 MSE A 116 12.17 -7.53 3.54
HE2 MSE A 116 11.00 -7.17 4.53
HE3 MSE A 116 10.82 -8.35 3.49
N LEU A 117 7.19 -9.39 4.83
CA LEU A 117 7.85 -9.76 6.08
C LEU A 117 9.34 -9.88 5.87
N SER A 118 10.10 -9.79 6.96
CA SER A 118 11.52 -9.99 6.94
C SER A 118 11.92 -11.32 6.30
N LYS A 119 13.13 -11.36 5.75
CA LYS A 119 13.74 -12.61 5.26
C LYS A 119 13.73 -13.70 6.33
N ASP A 120 13.92 -13.31 7.59
CA ASP A 120 13.89 -14.22 8.72
C ASP A 120 12.66 -15.14 8.71
N ALA A 121 11.57 -14.68 8.10
CA ALA A 121 10.27 -15.33 8.23
C ALA A 121 9.95 -16.24 7.04
N GLU A 122 10.90 -16.40 6.12
CA GLU A 122 10.59 -17.00 4.82
C GLU A 122 9.97 -18.40 4.94
N LYS A 123 10.41 -19.12 5.96
CA LYS A 123 10.02 -20.51 6.16
C LYS A 123 8.59 -20.67 6.69
N TYR A 124 7.99 -19.56 7.11
CA TYR A 124 6.79 -19.62 7.93
C TYR A 124 5.50 -19.28 7.18
N TYR A 125 5.59 -18.86 5.93
CA TYR A 125 4.40 -18.57 5.12
C TYR A 125 4.61 -19.10 3.73
N GLN A 126 3.52 -19.28 3.00
CA GLN A 126 3.59 -20.04 1.75
C GLN A 126 3.43 -19.23 0.46
N ALA A 127 2.94 -18.01 0.55
CA ALA A 127 2.90 -17.14 -0.60
C ALA A 127 2.90 -15.68 -0.16
N PHE A 128 3.35 -14.83 -1.09
CA PHE A 128 3.39 -13.40 -0.90
C PHE A 128 2.87 -12.74 -2.17
N LEU A 129 1.74 -12.05 -2.03
CA LEU A 129 1.07 -11.36 -3.15
C LEU A 129 1.14 -9.86 -2.91
N ALA A 130 1.75 -9.14 -3.82
CA ALA A 130 1.96 -7.71 -3.61
C ALA A 130 2.41 -7.03 -4.88
N THR A 131 2.28 -5.71 -4.88
CA THR A 131 2.97 -4.87 -5.85
C THR A 131 4.48 -5.12 -5.80
N ASP A 132 5.15 -5.10 -6.94
CA ASP A 132 6.60 -4.96 -6.93
C ASP A 132 6.91 -3.53 -6.55
N ASN A 133 7.02 -3.29 -5.25
CA ASN A 133 7.09 -1.90 -4.76
C ASN A 133 8.30 -1.10 -5.20
N LYS A 134 9.46 -1.75 -5.32
CA LYS A 134 10.62 -1.05 -5.85
C LYS A 134 10.33 -0.57 -7.26
N ALA A 135 9.79 -1.46 -8.10
CA ALA A 135 9.46 -1.09 -9.47
C ALA A 135 8.42 0.01 -9.52
N ALA A 136 7.43 -0.06 -8.63
CA ALA A 136 6.36 0.94 -8.60
C ALA A 136 6.90 2.32 -8.16
N GLY A 137 7.78 2.33 -7.17
CA GLY A 137 8.43 3.56 -6.77
C GLY A 137 9.25 4.16 -7.91
N GLU A 138 9.93 3.29 -8.66
CA GLU A 138 10.69 3.75 -9.82
C GLU A 138 9.77 4.36 -10.88
N LEU A 139 8.60 3.79 -11.10
CA LEU A 139 7.67 4.37 -12.10
C LEU A 139 7.25 5.77 -11.64
N ALA A 140 6.96 5.91 -10.35
CA ALA A 140 6.55 7.20 -9.83
C ALA A 140 7.68 8.24 -9.99
N ALA A 141 8.92 7.83 -9.76
CA ALA A 141 10.08 8.72 -9.87
C ALA A 141 10.32 9.13 -11.32
N LYS A 142 10.16 8.19 -12.24
CA LYS A 142 10.30 8.51 -13.65
C LYS A 142 9.23 9.50 -14.09
N ALA A 143 8.00 9.28 -13.64
CA ALA A 143 6.90 10.22 -13.92
C ALA A 143 7.21 11.61 -13.39
N MSE A 144 7.78 11.65 -12.19
CA MSE A 144 8.16 12.91 -11.58
C MSE A 144 9.20 13.65 -12.42
O MSE A 144 9.00 14.81 -12.78
CB MSE A 144 8.72 12.66 -10.17
CG MSE A 144 9.10 13.91 -9.44
SE MSE A 144 7.55 14.98 -8.90
CE MSE A 144 7.02 13.91 -7.36
H MSE A 144 7.96 10.96 -11.71
HA MSE A 144 7.37 13.48 -11.49
HB2 MSE A 144 8.05 12.20 -9.64
HB3 MSE A 144 9.52 12.11 -10.25
HG2 MSE A 144 9.60 13.68 -8.65
HG3 MSE A 144 9.65 14.46 -10.03
HE1 MSE A 144 6.24 14.31 -6.96
HE2 MSE A 144 6.82 13.01 -7.66
HE3 MSE A 144 7.74 13.89 -6.73
N ILE A 145 10.28 12.97 -12.77
CA ILE A 145 11.34 13.59 -13.56
C ILE A 145 10.85 14.07 -14.93
N GLN A 146 10.00 13.29 -15.58
CA GLN A 146 9.56 13.67 -16.90
C GLN A 146 8.77 14.97 -16.88
N LYS A 147 8.14 15.28 -15.75
CA LYS A 147 7.36 16.50 -15.68
C LYS A 147 8.15 17.64 -15.05
N VAL A 148 9.00 17.32 -14.07
CA VAL A 148 9.73 18.31 -13.31
C VAL A 148 11.07 18.67 -13.92
N GLY A 149 11.66 17.72 -14.64
CA GLY A 149 13.06 17.83 -15.05
C GLY A 149 13.99 17.27 -13.97
N THR A 150 15.24 17.67 -14.02
CA THR A 150 16.27 16.99 -13.24
C THR A 150 16.98 17.90 -12.22
N GLU A 151 16.52 19.16 -12.11
CA GLU A 151 17.08 20.14 -11.19
C GLU A 151 15.97 20.73 -10.32
N GLY A 152 16.25 20.93 -9.04
CA GLY A 152 15.27 21.52 -8.15
C GLY A 152 15.00 20.63 -6.97
N LYS A 153 13.95 20.99 -6.24
CA LYS A 153 13.62 20.33 -4.98
C LYS A 153 12.29 19.60 -5.09
N ILE A 154 12.23 18.38 -4.57
CA ILE A 154 10.97 17.67 -4.43
C ILE A 154 10.84 17.13 -3.01
N ALA A 155 9.61 16.92 -2.56
CA ALA A 155 9.35 16.40 -1.22
C ALA A 155 8.81 14.99 -1.27
N VAL A 156 9.19 14.18 -0.28
CA VAL A 156 8.70 12.82 -0.15
C VAL A 156 7.85 12.72 1.11
N MSE A 157 6.56 12.48 0.89
CA MSE A 157 5.56 12.28 1.96
C MSE A 157 5.30 10.78 2.05
O MSE A 157 4.64 10.17 1.18
CB MSE A 157 4.26 13.02 1.64
CG MSE A 157 4.48 14.44 1.09
SE MSE A 157 5.67 15.60 2.13
CE MSE A 157 4.60 15.88 3.68
H MSE A 157 6.22 12.43 0.11
HA MSE A 157 5.93 12.60 2.81
HB2 MSE A 157 3.76 12.53 0.97
HB3 MSE A 157 3.74 13.11 2.45
HG2 MSE A 157 4.85 14.36 0.20
HG3 MSE A 157 3.62 14.88 1.04
HE1 MSE A 157 5.07 16.44 4.29
HE2 MSE A 157 3.78 16.30 3.42
HE3 MSE A 157 4.42 15.03 4.10
N SER A 158 5.82 10.17 3.11
CA SER A 158 5.65 8.75 3.32
C SER A 158 4.68 8.49 4.48
N TYR A 159 4.54 7.23 4.86
CA TYR A 159 3.48 6.82 5.75
C TYR A 159 4.05 6.25 7.04
N VAL A 160 4.28 4.95 7.08
CA VAL A 160 4.85 4.30 8.27
C VAL A 160 6.26 3.84 7.92
N ALA A 161 7.25 4.44 8.58
CA ALA A 161 8.64 4.17 8.23
C ALA A 161 8.95 2.70 8.45
N GLY A 162 9.47 2.05 7.42
CA GLY A 162 9.89 0.66 7.52
C GLY A 162 8.78 -0.36 7.40
N ALA A 163 7.54 0.09 7.15
CA ALA A 163 6.49 -0.86 6.88
C ALA A 163 6.88 -1.57 5.54
N GLY A 164 6.49 -2.81 5.39
CA GLY A 164 7.00 -3.62 4.31
C GLY A 164 6.85 -2.98 2.95
N SER A 165 5.65 -2.51 2.61
CA SER A 165 5.47 -1.91 1.28
C SER A 165 6.25 -0.58 1.16
N GLU A 166 6.44 0.09 2.28
CA GLU A 166 7.06 1.41 2.30
C GLU A 166 8.54 1.34 1.96
N ILE A 167 9.24 0.32 2.46
CA ILE A 167 10.69 0.19 2.24
C ILE A 167 11.05 0.20 0.75
N GLY A 168 10.41 -0.70 -0.01
CA GLY A 168 10.69 -0.82 -1.41
C GLY A 168 10.16 0.35 -2.20
N ARG A 169 8.97 0.81 -1.85
CA ARG A 169 8.29 1.84 -2.63
C ARG A 169 9.06 3.17 -2.53
N VAL A 170 9.32 3.57 -1.30
CA VAL A 170 9.98 4.83 -1.09
C VAL A 170 11.48 4.71 -1.40
N GLY A 171 12.09 3.58 -1.09
CA GLY A 171 13.47 3.37 -1.51
C GLY A 171 13.64 3.33 -3.02
N GLY A 172 12.72 2.65 -3.73
CA GLY A 172 12.78 2.59 -5.18
C GLY A 172 12.68 4.00 -5.75
N PHE A 173 11.74 4.78 -5.23
CA PHE A 173 11.57 6.17 -5.67
C PHE A 173 12.84 6.96 -5.41
N THR A 174 13.30 6.94 -4.18
CA THR A 174 14.42 7.75 -3.77
C THR A 174 15.69 7.39 -4.53
N ASP A 175 15.95 6.11 -4.69
CA ASP A 175 17.16 5.68 -5.37
C ASP A 175 17.14 6.09 -6.83
N TYR A 176 15.95 6.02 -7.44
CA TYR A 176 15.81 6.40 -8.86
C TYR A 176 16.04 7.89 -9.04
N ILE A 177 15.44 8.69 -8.17
CA ILE A 177 15.68 10.13 -8.20
C ILE A 177 17.16 10.47 -8.09
N LYS A 178 17.86 9.85 -7.14
CA LYS A 178 19.29 10.03 -7.00
C LYS A 178 20.08 9.60 -8.25
N ALA A 179 19.75 8.47 -8.85
CA ALA A 179 20.55 7.97 -9.96
C ALA A 179 20.28 8.72 -11.26
N ASN A 180 19.12 9.33 -11.38
CA ASN A 180 18.66 9.85 -12.65
C ASN A 180 18.40 11.34 -12.70
N SER A 181 18.87 12.04 -11.68
CA SER A 181 18.69 13.48 -11.61
C SER A 181 19.62 14.06 -10.55
N LYS A 182 19.60 15.38 -10.43
CA LYS A 182 20.21 16.03 -9.28
C LYS A 182 19.15 16.74 -8.44
N LEU A 183 17.92 16.23 -8.49
CA LEU A 183 16.85 16.74 -7.61
C LEU A 183 17.22 16.55 -6.16
N GLN A 184 16.90 17.56 -5.36
CA GLN A 184 17.11 17.53 -3.92
C GLN A 184 15.85 17.05 -3.25
N ILE A 185 15.97 16.04 -2.40
CA ILE A 185 14.83 15.49 -1.70
C ILE A 185 14.67 16.15 -0.33
N VAL A 186 13.49 16.72 -0.09
CA VAL A 186 13.06 17.24 1.21
C VAL A 186 12.21 16.15 1.88
N GLY A 187 12.46 15.90 3.16
CA GLY A 187 11.86 14.75 3.81
C GLY A 187 12.84 13.59 3.83
N PRO A 188 12.32 12.37 3.95
CA PRO A 188 10.91 11.99 4.02
C PRO A 188 10.21 12.41 5.29
N TYR A 189 8.91 12.62 5.15
CA TYR A 189 8.02 12.84 6.27
C TYR A 189 7.17 11.59 6.42
N TYR A 190 6.66 11.34 7.63
CA TYR A 190 5.88 10.13 7.89
C TYR A 190 4.52 10.46 8.46
N SER A 191 3.48 10.17 7.70
CA SER A 191 2.11 10.51 8.07
C SER A 191 1.47 9.50 9.03
N GLN A 192 2.12 8.36 9.25
CA GLN A 192 1.52 7.22 9.99
C GLN A 192 0.20 6.74 9.36
N SER A 193 0.09 6.96 8.05
CA SER A 193 -1.13 6.64 7.29
C SER A 193 -2.39 7.37 7.78
N GLN A 194 -2.18 8.54 8.38
CA GLN A 194 -3.27 9.39 8.83
C GLN A 194 -3.40 10.54 7.85
N MSE A 195 -4.54 10.61 7.19
N MSE A 195 -4.55 10.60 7.16
CA MSE A 195 -4.79 11.66 6.21
CA MSE A 195 -4.86 11.67 6.22
C MSE A 195 -4.61 13.05 6.80
C MSE A 195 -4.59 13.04 6.82
O MSE A 195 -4.00 13.92 6.16
O MSE A 195 -3.91 13.88 6.20
CB MSE A 195 -6.19 11.48 5.63
CB MSE A 195 -6.32 11.59 5.72
CG MSE A 195 -6.48 12.39 4.49
CG MSE A 195 -6.64 10.43 4.75
SE MSE A 195 -7.09 14.13 5.05
SE MSE A 195 -8.51 10.41 4.04
CE MSE A 195 -8.65 13.55 6.07
CE MSE A 195 -9.44 9.66 5.58
H MSE A 195 -5.19 10.06 7.29
H MSE A 195 -5.18 10.01 7.24
HA MSE A 195 -4.15 11.54 5.48
HA MSE A 195 -4.28 11.55 5.43
HB2 MSE A 195 -6.29 10.57 5.32
HB2 MSE A 195 -6.90 11.48 6.49
HB3 MSE A 195 -6.84 11.66 6.32
HB3 MSE A 195 -6.54 12.41 5.27
HG2 MSE A 195 -5.67 12.51 3.96
HG2 MSE A 195 -6.49 9.59 5.21
HG3 MSE A 195 -7.18 12.00 3.94
HG3 MSE A 195 -6.04 10.49 3.99
HE1 MSE A 195 -9.08 14.32 6.43
HE1 MSE A 195 -10.39 9.60 5.38
HE2 MSE A 195 -9.25 13.08 5.48
HE2 MSE A 195 -9.32 10.24 6.33
HE3 MSE A 195 -8.37 12.97 6.77
HE3 MSE A 195 -9.09 8.79 5.77
N ALA A 196 -5.11 13.26 8.02
CA ALA A 196 -4.99 14.56 8.67
C ALA A 196 -3.54 14.95 8.95
N THR A 197 -2.72 13.95 9.29
CA THR A 197 -1.32 14.21 9.54
C THR A 197 -0.60 14.58 8.25
N ALA A 198 -0.87 13.82 7.18
CA ALA A 198 -0.36 14.13 5.85
C ALA A 198 -0.75 15.52 5.36
N LEU A 199 -2.00 15.92 5.63
CA LEU A 199 -2.46 17.25 5.27
C LEU A 199 -1.60 18.32 5.96
N ASN A 200 -1.42 18.21 7.27
CA ASN A 200 -0.58 19.15 8.01
C ASN A 200 0.88 19.12 7.53
N GLN A 201 1.46 17.92 7.41
CA GLN A 201 2.84 17.84 6.97
C GLN A 201 3.05 18.44 5.59
N THR A 202 2.12 18.20 4.69
CA THR A 202 2.18 18.82 3.36
C THR A 202 2.04 20.33 3.40
N THR A 203 1.07 20.82 4.19
CA THR A 203 0.92 22.26 4.35
C THR A 203 2.24 22.89 4.82
N ASP A 204 2.90 22.20 5.75
CA ASP A 204 4.12 22.68 6.32
C ASP A 204 5.30 22.61 5.33
N VAL A 205 5.39 21.54 4.55
N VAL A 205 5.41 21.55 4.53
CA VAL A 205 6.44 21.43 3.54
CA VAL A 205 6.50 21.49 3.54
C VAL A 205 6.29 22.48 2.45
C VAL A 205 6.31 22.55 2.47
N LEU A 206 5.07 22.78 2.08
CA LEU A 206 4.80 23.81 1.09
C LEU A 206 5.19 25.18 1.62
N ALA A 207 4.85 25.48 2.87
CA ALA A 207 5.15 26.76 3.43
C ALA A 207 6.66 26.96 3.64
N ALA A 208 7.36 25.87 3.93
CA ALA A 208 8.80 25.90 4.17
C ALA A 208 9.59 25.97 2.88
N ASN A 209 8.98 25.57 1.75
CA ASN A 209 9.71 25.43 0.50
C ASN A 209 8.97 26.08 -0.68
N ALA A 210 9.07 27.40 -0.77
CA ALA A 210 8.39 28.14 -1.83
C ALA A 210 8.81 27.68 -3.21
N ASP A 211 10.03 27.18 -3.31
CA ASP A 211 10.62 26.75 -4.59
C ASP A 211 10.35 25.27 -4.90
N LEU A 212 9.53 24.60 -4.12
CA LEU A 212 9.29 23.18 -4.35
C LEU A 212 8.73 22.94 -5.74
N LYS A 213 9.33 22.01 -6.47
CA LYS A 213 8.88 21.73 -7.82
C LYS A 213 7.95 20.53 -7.92
N GLY A 214 8.02 19.62 -6.95
CA GLY A 214 7.22 18.42 -7.00
C GLY A 214 7.11 17.75 -5.65
N ILE A 215 6.18 16.81 -5.53
CA ILE A 215 5.86 16.19 -4.24
C ILE A 215 5.22 14.83 -4.49
N PHE A 216 5.71 13.84 -3.76
CA PHE A 216 5.30 12.44 -3.84
C PHE A 216 4.62 12.01 -2.56
N GLY A 217 3.41 11.45 -2.70
CA GLY A 217 2.64 10.92 -1.59
C GLY A 217 2.52 9.41 -1.73
N ALA A 218 3.11 8.65 -0.80
CA ALA A 218 3.43 7.27 -1.12
C ALA A 218 2.38 6.22 -0.81
N ASN A 219 1.24 6.62 -0.24
CA ASN A 219 0.10 5.74 -0.12
C ASN A 219 -1.20 6.51 -0.09
N GLU A 220 -2.29 5.78 -0.01
CA GLU A 220 -3.63 6.35 -0.18
C GLU A 220 -3.91 7.54 0.77
N PRO A 221 -3.87 7.33 2.09
CA PRO A 221 -4.21 8.46 2.94
C PRO A 221 -3.20 9.61 2.84
N THR A 222 -1.94 9.29 2.58
CA THR A 222 -0.92 10.32 2.53
C THR A 222 -1.17 11.17 1.29
N ALA A 223 -1.48 10.50 0.19
CA ALA A 223 -1.70 11.23 -1.06
C ALA A 223 -2.96 12.06 -1.01
N ILE A 224 -3.99 11.58 -0.33
CA ILE A 224 -5.22 12.36 -0.17
C ILE A 224 -4.96 13.61 0.68
N GLY A 225 -4.29 13.44 1.80
CA GLY A 225 -3.97 14.60 2.59
C GLY A 225 -3.11 15.60 1.84
N MSE A 226 -2.16 15.08 1.09
CA MSE A 226 -1.28 15.88 0.24
C MSE A 226 -2.09 16.70 -0.76
O MSE A 226 -1.90 17.90 -0.88
CB MSE A 226 -0.33 14.94 -0.51
CG MSE A 226 0.63 15.66 -1.43
SE MSE A 226 1.68 14.38 -2.44
CE MSE A 226 0.29 13.71 -3.64
H MSE A 226 -1.99 14.23 1.04
HA MSE A 226 -0.74 16.48 0.80
HB2 MSE A 226 0.20 14.45 0.14
HB3 MSE A 226 -0.85 14.32 -1.04
HG2 MSE A 226 0.12 16.21 -2.06
HG3 MSE A 226 1.23 16.21 -0.91
HE1 MSE A 226 0.67 13.06 -4.22
HE2 MSE A 226 -0.41 13.33 -3.11
HE3 MSE A 226 -0.05 14.45 -4.15
N GLY A 227 -2.99 16.04 -1.47
CA GLY A 227 -3.77 16.75 -2.47
C GLY A 227 -4.60 17.83 -1.84
N ARG A 228 -5.20 17.52 -0.70
CA ARG A 228 -6.05 18.51 -0.03
C ARG A 228 -5.23 19.70 0.43
N ALA A 229 -4.02 19.45 0.93
CA ALA A 229 -3.12 20.53 1.33
C ALA A 229 -2.73 21.44 0.17
N ILE A 230 -2.39 20.82 -0.97
CA ILE A 230 -2.02 21.59 -2.15
C ILE A 230 -3.18 22.51 -2.59
N LYS A 231 -4.38 21.96 -2.60
CA LYS A 231 -5.55 22.71 -3.01
C LYS A 231 -5.77 23.86 -2.06
N GLN A 232 -5.72 23.56 -0.76
CA GLN A 232 -5.95 24.58 0.26
C GLN A 232 -4.91 25.70 0.25
N ALA A 233 -3.69 25.39 -0.14
CA ALA A 233 -2.62 26.37 -0.25
C ALA A 233 -2.71 27.24 -1.52
N GLY A 234 -3.64 26.91 -2.41
CA GLY A 234 -3.79 27.60 -3.67
C GLY A 234 -2.71 27.21 -4.67
N LYS A 235 -2.11 26.05 -4.49
CA LYS A 235 -1.01 25.63 -5.34
C LYS A 235 -1.31 24.47 -6.32
N ALA A 236 -2.58 24.12 -6.49
CA ALA A 236 -2.92 23.04 -7.42
C ALA A 236 -2.42 23.38 -8.81
N GLY A 237 -1.67 22.46 -9.41
CA GLY A 237 -1.13 22.68 -10.74
C GLY A 237 0.14 23.54 -10.77
N LYS A 238 0.56 24.03 -9.62
CA LYS A 238 1.75 24.90 -9.53
C LYS A 238 2.99 24.13 -9.04
N LEU A 239 2.80 22.86 -8.78
CA LEU A 239 3.90 21.92 -8.61
C LEU A 239 3.37 20.56 -8.99
N VAL A 240 4.28 19.63 -9.25
CA VAL A 240 3.94 18.31 -9.75
C VAL A 240 3.75 17.35 -8.59
N ALA A 241 2.54 16.85 -8.45
CA ALA A 241 2.21 15.93 -7.38
C ALA A 241 1.91 14.53 -7.93
N ILE A 242 2.55 13.52 -7.34
CA ILE A 242 2.34 12.14 -7.72
C ILE A 242 1.92 11.34 -6.50
N GLY A 243 0.86 10.54 -6.64
CA GLY A 243 0.38 9.75 -5.52
C GLY A 243 0.43 8.26 -5.76
N PHE A 244 -0.05 7.52 -4.76
CA PHE A 244 -0.33 6.09 -4.85
C PHE A 244 -1.80 5.88 -4.51
N ASP A 245 -2.37 4.90 -5.19
CA ASP A 245 -3.67 4.33 -4.96
C ASP A 245 -4.78 5.07 -5.72
N GLY A 246 -6.00 4.56 -5.64
CA GLY A 246 -6.98 4.87 -6.65
C GLY A 246 -8.42 4.99 -6.19
N ASN A 247 -8.64 5.52 -4.99
CA ASN A 247 -10.01 5.71 -4.56
C ASN A 247 -10.65 6.93 -5.22
N GLN A 248 -11.87 7.26 -4.82
CA GLN A 248 -12.60 8.36 -5.46
C GLN A 248 -11.87 9.70 -5.31
N ASP A 249 -11.32 10.00 -4.14
CA ASP A 249 -10.63 11.28 -3.95
C ASP A 249 -9.44 11.40 -4.90
N LEU A 250 -8.67 10.34 -5.01
CA LEU A 250 -7.48 10.37 -5.85
C LEU A 250 -7.85 10.43 -7.34
N GLN A 251 -8.91 9.73 -7.73
CA GLN A 251 -9.40 9.83 -9.10
C GLN A 251 -9.76 11.28 -9.40
N GLU A 252 -10.43 11.93 -8.45
CA GLU A 252 -10.86 13.32 -8.66
C GLU A 252 -9.67 14.29 -8.76
N PHE A 253 -8.63 14.03 -7.97
CA PHE A 253 -7.41 14.84 -7.99
C PHE A 253 -6.64 14.71 -9.32
N VAL A 254 -6.64 13.52 -9.92
CA VAL A 254 -6.06 13.37 -11.25
C VAL A 254 -6.91 14.15 -12.27
N LYS A 255 -8.21 13.94 -12.22
CA LYS A 255 -9.11 14.60 -13.17
C LYS A 255 -9.06 16.12 -13.08
N ASP A 256 -8.88 16.67 -11.87
CA ASP A 256 -8.91 18.12 -11.73
C ASP A 256 -7.53 18.76 -11.80
N GLY A 257 -6.51 17.94 -12.04
CA GLY A 257 -5.16 18.44 -12.25
C GLY A 257 -4.32 18.69 -11.00
N THR A 258 -4.86 18.36 -9.83
CA THR A 258 -4.09 18.49 -8.61
C THR A 258 -2.92 17.51 -8.56
N LEU A 259 -3.20 16.27 -8.95
CA LEU A 259 -2.18 15.25 -9.09
C LEU A 259 -1.96 14.93 -10.57
N GLU A 260 -0.70 14.88 -10.98
CA GLU A 260 -0.33 14.51 -12.34
C GLU A 260 -0.53 13.01 -12.59
N ALA A 261 -0.28 12.19 -11.59
CA ALA A 261 -0.44 10.75 -11.72
C ALA A 261 -0.66 10.13 -10.37
N THR A 262 -1.27 8.95 -10.36
CA THR A 262 -1.27 8.14 -9.16
C THR A 262 -1.00 6.69 -9.57
N VAL A 263 -0.15 5.99 -8.78
CA VAL A 263 0.25 4.63 -9.08
C VAL A 263 -0.73 3.70 -8.36
N VAL A 264 -1.46 2.92 -9.13
CA VAL A 264 -2.58 2.14 -8.60
C VAL A 264 -2.23 0.66 -8.61
N GLN A 265 -2.49 0.03 -7.46
CA GLN A 265 -2.16 -1.37 -7.20
C GLN A 265 -3.33 -2.31 -7.47
N GLY A 266 -3.07 -3.61 -7.40
CA GLY A 266 -4.11 -4.61 -7.57
C GLY A 266 -4.71 -5.00 -6.24
N SER A 267 -5.36 -4.05 -5.59
CA SER A 267 -5.87 -4.30 -4.23
C SER A 267 -6.98 -5.38 -4.18
N TYR A 268 -7.93 -5.30 -5.10
CA TYR A 268 -8.95 -6.33 -5.19
C TYR A 268 -8.31 -7.70 -5.41
N GLN A 269 -7.33 -7.76 -6.32
CA GLN A 269 -6.65 -9.01 -6.62
C GLN A 269 -5.94 -9.59 -5.39
N MSE A 270 -5.33 -8.73 -4.56
CA MSE A 270 -4.66 -9.23 -3.37
C MSE A 270 -5.65 -9.98 -2.49
O MSE A 270 -5.33 -11.05 -1.95
CB MSE A 270 -4.04 -8.09 -2.59
CG MSE A 270 -2.85 -7.42 -3.28
SE MSE A 270 -2.19 -5.94 -2.19
CE MSE A 270 -1.48 -4.82 -3.60
H MSE A 270 -5.30 -7.88 -4.67
HA MSE A 270 -3.94 -9.85 -3.64
HB2 MSE A 270 -4.72 -7.40 -2.44
HB3 MSE A 270 -3.72 -8.43 -1.73
HG2 MSE A 270 -2.14 -8.07 -3.40
HG3 MSE A 270 -3.14 -7.07 -4.13
HE1 MSE A 270 -1.11 -4.03 -3.20
HE2 MSE A 270 -0.80 -5.29 -4.08
HE3 MSE A 270 -2.20 -4.58 -4.20
N GLY A 271 -6.84 -9.44 -2.33
CA GLY A 271 -7.87 -10.09 -1.55
C GLY A 271 -8.39 -11.36 -2.22
N GLU A 272 -8.74 -11.28 -3.51
CA GLU A 272 -9.35 -12.41 -4.19
C GLU A 272 -8.35 -13.56 -4.32
N LYS A 273 -7.18 -13.27 -4.87
CA LYS A 273 -6.17 -14.31 -5.07
C LYS A 273 -5.51 -14.70 -3.76
N GLY A 274 -5.53 -13.81 -2.78
CA GLY A 274 -5.06 -14.18 -1.45
C GLY A 274 -5.89 -15.32 -0.88
N VAL A 275 -7.21 -15.15 -0.89
CA VAL A 275 -8.11 -16.17 -0.38
C VAL A 275 -8.02 -17.42 -1.28
N ASP A 276 -7.97 -17.25 -2.59
CA ASP A 276 -7.90 -18.42 -3.46
C ASP A 276 -6.61 -19.21 -3.22
N THR A 277 -5.53 -18.51 -2.86
CA THR A 277 -4.25 -19.19 -2.62
C THR A 277 -4.35 -20.02 -1.34
N LEU A 278 -4.97 -19.44 -0.32
CA LEU A 278 -5.20 -20.19 0.92
C LEU A 278 -6.10 -21.40 0.69
N LEU A 279 -7.14 -21.24 -0.13
CA LEU A 279 -8.03 -22.35 -0.43
C LEU A 279 -7.25 -23.49 -1.11
N LYS A 280 -6.30 -23.15 -1.98
CA LYS A 280 -5.45 -24.16 -2.59
C LYS A 280 -4.58 -24.85 -1.55
N LEU A 281 -3.97 -24.06 -0.67
CA LEU A 281 -3.13 -24.64 0.37
C LEU A 281 -3.95 -25.53 1.30
N LEU A 282 -5.20 -25.17 1.55
CA LEU A 282 -6.06 -25.97 2.43
C LEU A 282 -6.41 -27.30 1.78
N SER A 283 -6.31 -27.35 0.45
CA SER A 283 -6.46 -28.61 -0.30
C SER A 283 -5.11 -29.24 -0.63
N LYS A 284 -4.08 -28.83 0.09
CA LYS A 284 -2.73 -29.40 -0.04
C LYS A 284 -2.23 -29.37 -1.49
N GLU A 285 -2.60 -28.32 -2.21
CA GLU A 285 -2.13 -28.08 -3.57
C GLU A 285 -0.91 -27.15 -3.59
N LYS A 286 -0.21 -27.14 -4.73
CA LYS A 286 0.98 -26.32 -4.94
C LYS A 286 0.50 -24.95 -5.31
N VAL A 287 1.20 -23.93 -4.82
CA VAL A 287 0.90 -22.55 -5.16
C VAL A 287 2.17 -21.83 -5.61
N GLU A 288 1.98 -20.73 -6.32
CA GLU A 288 3.09 -19.87 -6.73
C GLU A 288 3.47 -19.00 -5.54
N LYS A 289 4.73 -19.06 -5.11
CA LYS A 289 5.09 -18.42 -3.85
C LYS A 289 5.17 -16.89 -3.94
N PHE A 290 5.56 -16.37 -5.09
CA PHE A 290 5.67 -14.94 -5.23
C PHE A 290 4.81 -14.48 -6.39
N ILE A 291 3.81 -13.68 -6.05
CA ILE A 291 2.80 -13.24 -6.98
C ILE A 291 2.81 -11.71 -7.05
N ASP A 292 3.04 -11.20 -8.25
CA ASP A 292 3.07 -9.76 -8.53
C ASP A 292 1.66 -9.39 -8.95
N THR A 293 1.01 -8.56 -8.17
CA THR A 293 -0.40 -8.20 -8.38
C THR A 293 -0.56 -6.98 -9.29
N GLY A 294 0.56 -6.45 -9.77
CA GLY A 294 0.56 -5.51 -10.88
C GLY A 294 0.39 -4.06 -10.49
N VAL A 295 0.64 -3.15 -11.44
CA VAL A 295 0.42 -1.73 -11.20
C VAL A 295 0.02 -1.06 -12.50
N VAL A 296 -0.71 0.02 -12.35
CA VAL A 296 -1.04 0.91 -13.46
C VAL A 296 -0.78 2.35 -13.01
N VAL A 297 -0.01 3.08 -13.80
CA VAL A 297 0.18 4.50 -13.54
C VAL A 297 -0.97 5.23 -14.20
N VAL A 298 -1.84 5.80 -13.38
CA VAL A 298 -3.07 6.42 -13.84
C VAL A 298 -2.88 7.93 -13.92
N THR A 299 -3.24 8.47 -15.09
CA THR A 299 -3.10 9.87 -15.43
C THR A 299 -4.35 10.30 -16.19
N LYS A 300 -4.41 11.58 -16.57
CA LYS A 300 -5.48 12.06 -17.42
C LYS A 300 -5.48 11.37 -18.79
N GLN A 301 -4.33 10.82 -19.18
CA GLN A 301 -4.22 10.19 -20.50
C GLN A 301 -4.76 8.76 -20.55
N ASN A 302 -4.99 8.11 -19.40
CA ASN A 302 -5.48 6.73 -19.41
C ASN A 302 -6.52 6.38 -18.34
N ILE A 303 -7.00 7.38 -17.62
CA ILE A 303 -7.87 7.10 -16.47
C ILE A 303 -9.20 6.37 -16.77
N ASP A 304 -9.68 6.49 -18.00
CA ASP A 304 -10.90 5.78 -18.39
C ASP A 304 -10.64 4.54 -19.24
N LYS A 305 -9.38 4.19 -19.45
CA LYS A 305 -9.10 2.95 -20.17
C LYS A 305 -9.45 1.73 -19.31
N PRO A 306 -9.78 0.60 -19.94
CA PRO A 306 -10.11 -0.57 -19.11
C PRO A 306 -9.02 -0.97 -18.10
N GLU A 307 -7.75 -0.83 -18.47
CA GLU A 307 -6.65 -1.24 -17.59
C GLU A 307 -6.66 -0.44 -16.30
N ALA A 308 -7.08 0.80 -16.40
CA ALA A 308 -7.17 1.65 -15.21
C ALA A 308 -8.45 1.35 -14.45
N LYS A 309 -9.58 1.26 -15.17
CA LYS A 309 -10.87 0.96 -14.54
C LYS A 309 -10.84 -0.34 -13.74
N ASN A 310 -10.04 -1.31 -14.17
CA ASN A 310 -9.93 -2.60 -13.50
C ASN A 310 -9.34 -2.54 -12.08
N VAL A 311 -8.55 -1.51 -11.82
CA VAL A 311 -7.90 -1.39 -10.50
C VAL A 311 -8.38 -0.20 -9.68
N LEU A 312 -9.09 0.74 -10.30
CA LEU A 312 -9.68 1.84 -9.55
C LEU A 312 -10.80 1.30 -8.65
N TYR A 313 -11.14 2.04 -7.59
CA TYR A 313 -12.20 1.61 -6.67
C TYR A 313 -12.84 2.80 -6.00
CL CL B . 2.47 -0.42 18.57
CL CL C . 7.65 -5.28 -2.16
CL CL D . 5.31 -5.15 6.77
C1 FCB E . -1.33 1.12 0.26
C2 FCB E . -0.21 0.31 0.90
C3 FCB E . -0.65 -0.39 2.06
C4 FCB E . -1.35 0.58 3.06
C5 FCB E . -2.43 1.32 2.22
C6 FCB E . -3.24 2.35 3.06
O1 FCB E . -0.73 1.95 -0.61
O2 FCB E . 0.21 -0.65 -0.11
O3 FCB E . 0.52 -0.98 2.67
O4 FCB E . -0.40 1.50 3.66
O5 FCB E . -1.84 2.03 1.22
CA CA F . 1.57 22.92 10.73
CA CA G . 22.40 12.11 -9.06
#